data_4BQA
#
_entry.id   4BQA
#
_cell.length_a   36.674
_cell.length_b   96.964
_cell.length_c   83.803
_cell.angle_alpha   90.00
_cell.angle_beta   97.06
_cell.angle_gamma   90.00
#
_symmetry.space_group_name_H-M   'P 1 21 1'
#
loop_
_entity.id
_entity.type
_entity.pdbx_description
1 polymer 'PROTEIN C-ETS-2'
2 polymer "5'-D(*AP*CP*CP*GP*GP*AP*AP*GP*TP*GP)-3'"
3 polymer "5'-D(*CP*AP*CP*TP*TP*CP*CP*GP*GP*TP)-3'"
4 water water
#
loop_
_entity_poly.entity_id
_entity_poly.type
_entity_poly.pdbx_seq_one_letter_code
_entity_poly.pdbx_strand_id
1 'polypeptide(L)'
;SMNKPTMSFKDYIQERSDPVEQGKPVIPAAVLAGFTGSGPIQLWQFLLELLSDKSCQSFISWTGDGWEFKLADPDEVARR
WGKRKNKPKMNYEKLSRGLRYYYDKNIIHKTSGKRYVYRFVCDLQNLLGFTPEELHAILGVQ
;
A,D,G
2 'polydeoxyribonucleotide' (DA)(DC)(DC)(DG)(DG)(DA)(DA)(DG)(DT)(DG) B,E,H
3 'polydeoxyribonucleotide' (DC)(DA)(DC)(DT)(DT)(DC)(DC)(DG)(DG)(DT) C,F,I
#
# COMPACT_ATOMS: atom_id res chain seq x y z
N MET A 7 41.17 27.64 -10.36
CA MET A 7 41.60 26.70 -11.38
C MET A 7 40.70 25.47 -11.40
N SER A 8 40.07 25.22 -12.54
CA SER A 8 39.15 24.09 -12.68
C SER A 8 39.91 22.79 -12.88
N PHE A 9 39.16 21.70 -13.02
CA PHE A 9 39.74 20.40 -13.31
C PHE A 9 40.09 20.32 -14.79
N LYS A 10 39.26 20.96 -15.60
CA LYS A 10 39.50 21.03 -17.04
C LYS A 10 40.84 21.72 -17.31
N ASP A 11 41.17 22.70 -16.49
CA ASP A 11 42.46 23.37 -16.57
C ASP A 11 43.56 22.44 -16.06
N TYR A 12 43.23 21.69 -15.02
CA TYR A 12 44.20 20.79 -14.38
C TYR A 12 44.64 19.69 -15.32
N ILE A 13 43.69 19.07 -16.04
CA ILE A 13 44.03 17.96 -16.92
C ILE A 13 44.92 18.36 -18.11
N GLN A 14 44.95 19.65 -18.44
CA GLN A 14 45.80 20.13 -19.53
C GLN A 14 47.27 19.87 -19.23
N GLU A 15 47.58 19.71 -17.94
CA GLU A 15 48.94 19.45 -17.51
C GLU A 15 49.40 18.05 -17.92
N ARG A 16 48.44 17.14 -18.08
CA ARG A 16 48.76 15.77 -18.46
C ARG A 16 49.19 15.70 -19.91
N SER A 17 50.04 14.72 -20.23
CA SER A 17 50.46 14.48 -21.61
C SER A 17 49.22 14.20 -22.46
N ASP A 18 48.36 13.34 -21.95
CA ASP A 18 47.08 13.04 -22.59
C ASP A 18 45.95 13.50 -21.66
N PRO A 19 45.36 14.68 -21.93
CA PRO A 19 44.29 15.15 -21.05
C PRO A 19 43.11 14.19 -21.00
N VAL A 20 42.84 13.52 -22.12
CA VAL A 20 41.83 12.49 -22.18
C VAL A 20 42.34 11.31 -23.01
N GLU A 21 42.78 10.26 -22.33
CA GLU A 21 43.26 9.06 -23.00
C GLU A 21 42.11 8.44 -23.81
N GLN A 22 42.47 7.67 -24.83
CA GLN A 22 41.51 7.17 -25.80
C GLN A 22 40.34 6.41 -25.17
N GLY A 23 40.63 5.25 -24.59
CA GLY A 23 39.60 4.38 -24.05
C GLY A 23 39.16 4.72 -22.65
N LYS A 24 40.00 5.46 -21.92
CA LYS A 24 39.73 5.76 -20.52
C LYS A 24 38.65 6.83 -20.34
N PRO A 25 38.11 6.95 -19.11
CA PRO A 25 37.11 7.99 -18.80
C PRO A 25 37.66 9.40 -18.97
N VAL A 26 36.78 10.39 -18.87
CA VAL A 26 37.17 11.79 -18.97
C VAL A 26 37.65 12.31 -17.62
N ILE A 27 37.09 11.75 -16.54
CA ILE A 27 37.42 12.17 -15.19
C ILE A 27 37.82 10.97 -14.33
N PRO A 28 39.07 10.52 -14.44
CA PRO A 28 39.57 9.45 -13.57
C PRO A 28 39.56 9.88 -12.11
N ALA A 29 39.11 9.00 -11.22
CA ALA A 29 38.98 9.32 -9.81
C ALA A 29 40.34 9.62 -9.16
N ALA A 30 41.38 8.95 -9.66
CA ALA A 30 42.73 9.14 -9.12
C ALA A 30 43.19 10.57 -9.38
N VAL A 31 43.02 11.03 -10.61
CA VAL A 31 43.37 12.38 -10.99
C VAL A 31 42.53 13.38 -10.21
N LEU A 32 41.25 13.07 -10.04
CA LEU A 32 40.33 13.95 -9.32
C LEU A 32 40.71 14.00 -7.83
N ALA A 33 41.21 12.89 -7.32
CA ALA A 33 41.71 12.83 -5.95
C ALA A 33 42.98 13.67 -5.86
N GLY A 34 43.85 13.53 -6.86
CA GLY A 34 45.06 14.33 -6.93
C GLY A 34 44.75 15.80 -7.05
N PHE A 35 43.66 16.13 -7.74
CA PHE A 35 43.22 17.51 -7.90
C PHE A 35 42.69 18.05 -6.58
N THR A 36 41.69 17.38 -6.02
CA THR A 36 41.11 17.79 -4.74
C THR A 36 42.15 17.72 -3.62
N GLY A 37 43.05 16.76 -3.71
CA GLY A 37 44.05 16.53 -2.69
C GLY A 37 43.44 15.80 -1.50
N SER A 38 42.36 15.07 -1.76
CA SER A 38 41.66 14.35 -0.71
C SER A 38 42.49 13.18 -0.19
N GLY A 39 43.15 12.49 -1.11
CA GLY A 39 43.99 11.35 -0.77
C GLY A 39 43.49 10.10 -1.47
N PRO A 40 43.07 9.07 -0.71
CA PRO A 40 42.54 7.89 -1.38
C PRO A 40 41.22 8.17 -2.10
N ILE A 41 40.88 7.35 -3.08
CA ILE A 41 39.68 7.55 -3.89
C ILE A 41 38.43 7.56 -3.01
N GLN A 42 37.60 8.58 -3.20
CA GLN A 42 36.34 8.69 -2.48
C GLN A 42 35.17 8.24 -3.34
N LEU A 43 34.07 7.87 -2.70
CA LEU A 43 32.90 7.34 -3.39
C LEU A 43 32.31 8.32 -4.41
N TRP A 44 32.18 9.59 -4.04
CA TRP A 44 31.61 10.57 -4.96
C TRP A 44 32.52 10.81 -6.17
N GLN A 45 33.81 10.51 -6.01
CA GLN A 45 34.77 10.67 -7.10
C GLN A 45 34.73 9.46 -8.03
N PHE A 46 34.50 8.29 -7.44
CA PHE A 46 34.38 7.06 -8.21
C PHE A 46 33.14 7.09 -9.10
N LEU A 47 32.05 7.66 -8.58
CA LEU A 47 30.80 7.76 -9.33
C LEU A 47 30.95 8.69 -10.53
N LEU A 48 31.73 9.75 -10.38
CA LEU A 48 31.97 10.66 -11.49
C LEU A 48 32.74 9.96 -12.61
N GLU A 49 33.71 9.13 -12.22
CA GLU A 49 34.50 8.38 -13.19
C GLU A 49 33.61 7.51 -14.06
N LEU A 50 32.69 6.79 -13.44
CA LEU A 50 31.75 5.95 -14.17
C LEU A 50 30.83 6.81 -15.04
N LEU A 51 30.38 7.93 -14.48
CA LEU A 51 29.49 8.83 -15.20
C LEU A 51 30.20 9.52 -16.36
N SER A 52 31.54 9.51 -16.33
CA SER A 52 32.34 10.06 -17.40
C SER A 52 32.97 8.94 -18.24
N ASP A 53 32.34 7.76 -18.18
CA ASP A 53 32.80 6.59 -18.91
C ASP A 53 31.66 6.06 -19.76
N LYS A 54 31.82 6.10 -21.08
CA LYS A 54 30.76 5.72 -22.01
C LYS A 54 30.36 4.25 -21.88
N SER A 55 31.33 3.40 -21.54
CA SER A 55 31.08 1.97 -21.42
C SER A 55 30.43 1.61 -20.08
N CYS A 56 30.01 2.63 -19.34
CA CYS A 56 29.34 2.44 -18.06
C CYS A 56 27.93 3.03 -18.08
N GLN A 57 27.54 3.57 -19.23
CA GLN A 57 26.23 4.16 -19.42
C GLN A 57 25.11 3.21 -19.01
N SER A 58 25.32 1.91 -19.24
CA SER A 58 24.28 0.92 -19.03
C SER A 58 23.82 0.81 -17.58
N PHE A 59 24.78 0.79 -16.65
CA PHE A 59 24.45 0.59 -15.24
C PHE A 59 24.45 1.89 -14.42
N ILE A 60 25.04 2.95 -14.98
CA ILE A 60 24.99 4.26 -14.34
C ILE A 60 25.03 5.35 -15.41
N SER A 61 24.26 6.41 -15.22
CA SER A 61 24.14 7.44 -16.24
C SER A 61 23.47 8.71 -15.73
N TRP A 62 23.78 9.82 -16.39
CA TRP A 62 23.15 11.09 -16.07
C TRP A 62 21.70 11.09 -16.50
N THR A 63 20.84 11.73 -15.70
CA THR A 63 19.47 11.99 -16.12
C THR A 63 19.47 13.26 -16.95
N GLY A 64 18.31 13.85 -17.11
CA GLY A 64 18.17 15.05 -17.92
C GLY A 64 18.79 16.30 -17.32
N ASP A 65 18.36 16.67 -16.12
CA ASP A 65 18.68 18.00 -15.60
C ASP A 65 19.89 18.02 -14.68
N GLY A 66 20.78 18.98 -14.95
CA GLY A 66 21.90 19.28 -14.08
C GLY A 66 22.82 18.11 -13.82
N TRP A 67 23.12 17.88 -12.54
CA TRP A 67 24.07 16.84 -12.14
C TRP A 67 23.34 15.66 -11.49
N GLU A 68 22.07 15.50 -11.82
CA GLU A 68 21.31 14.36 -11.35
C GLU A 68 21.72 13.14 -12.16
N PHE A 69 21.92 12.02 -11.46
CA PHE A 69 22.32 10.78 -12.11
C PHE A 69 21.54 9.62 -11.51
N LYS A 70 21.54 8.50 -12.22
CA LYS A 70 20.81 7.32 -11.80
C LYS A 70 21.70 6.09 -11.83
N LEU A 71 21.60 5.27 -10.78
CA LEU A 71 22.26 3.98 -10.74
C LEU A 71 21.32 2.94 -11.32
N ALA A 72 21.36 2.78 -12.65
CA ALA A 72 20.47 1.87 -13.36
C ALA A 72 20.58 0.46 -12.79
N ASP A 73 21.81 -0.02 -12.64
CA ASP A 73 22.09 -1.30 -12.00
C ASP A 73 22.97 -1.05 -10.77
N PRO A 74 22.33 -0.82 -9.61
CA PRO A 74 23.06 -0.50 -8.37
C PRO A 74 24.09 -1.56 -7.99
N ASP A 75 23.81 -2.82 -8.29
CA ASP A 75 24.68 -3.92 -7.89
C ASP A 75 26.00 -3.92 -8.65
N GLU A 76 25.95 -3.60 -9.94
CA GLU A 76 27.17 -3.53 -10.74
C GLU A 76 28.03 -2.34 -10.31
N VAL A 77 27.37 -1.28 -9.84
CA VAL A 77 28.08 -0.12 -9.33
C VAL A 77 28.75 -0.48 -8.01
N ALA A 78 28.05 -1.22 -7.16
CA ALA A 78 28.56 -1.61 -5.86
C ALA A 78 29.67 -2.65 -6.01
N ARG A 79 29.62 -3.43 -7.09
CA ARG A 79 30.65 -4.42 -7.35
C ARG A 79 31.96 -3.73 -7.72
N ARG A 80 31.88 -2.79 -8.65
CA ARG A 80 33.05 -2.05 -9.11
C ARG A 80 33.58 -1.15 -7.99
N TRP A 81 32.71 -0.78 -7.06
CA TRP A 81 33.11 0.04 -5.92
C TRP A 81 33.89 -0.80 -4.92
N GLY A 82 33.43 -2.03 -4.69
CA GLY A 82 34.13 -2.95 -3.84
C GLY A 82 35.49 -3.30 -4.42
N LYS A 83 35.52 -3.51 -5.74
CA LYS A 83 36.75 -3.82 -6.44
C LYS A 83 37.79 -2.70 -6.30
N ARG A 84 37.35 -1.47 -6.58
CA ARG A 84 38.24 -0.32 -6.53
C ARG A 84 38.76 -0.07 -5.11
N LYS A 85 38.01 -0.54 -4.13
CA LYS A 85 38.32 -0.28 -2.72
C LYS A 85 38.89 -1.53 -2.02
N ASN A 86 38.94 -2.64 -2.75
CA ASN A 86 39.35 -3.92 -2.19
C ASN A 86 38.45 -4.34 -1.03
N LYS A 87 37.14 -4.23 -1.26
CA LYS A 87 36.13 -4.65 -0.29
C LYS A 87 35.19 -5.65 -0.95
N PRO A 88 35.56 -6.94 -0.94
CA PRO A 88 34.83 -8.01 -1.64
C PRO A 88 33.34 -8.12 -1.28
N LYS A 89 32.95 -7.68 -0.09
CA LYS A 89 31.58 -7.84 0.38
C LYS A 89 30.76 -6.57 0.20
N MET A 90 31.16 -5.73 -0.76
CA MET A 90 30.45 -4.47 -1.00
C MET A 90 29.14 -4.69 -1.74
N ASN A 91 28.09 -4.04 -1.26
CA ASN A 91 26.77 -4.10 -1.90
C ASN A 91 26.14 -2.71 -1.92
N TYR A 92 25.01 -2.57 -2.61
CA TYR A 92 24.33 -1.28 -2.68
C TYR A 92 23.85 -0.82 -1.31
N GLU A 93 23.49 -1.77 -0.45
CA GLU A 93 22.98 -1.45 0.88
C GLU A 93 23.99 -0.63 1.67
N LYS A 94 25.27 -0.99 1.55
CA LYS A 94 26.34 -0.30 2.27
C LYS A 94 26.84 0.92 1.48
N LEU A 95 26.94 0.79 0.17
CA LEU A 95 27.37 1.88 -0.69
C LEU A 95 26.40 3.06 -0.56
N SER A 96 25.11 2.76 -0.51
CA SER A 96 24.10 3.82 -0.42
C SER A 96 24.17 4.49 0.94
N ARG A 97 24.59 3.74 1.95
CA ARG A 97 24.79 4.33 3.28
C ARG A 97 25.95 5.32 3.23
N GLY A 98 26.88 5.08 2.32
CA GLY A 98 27.97 6.02 2.07
C GLY A 98 27.44 7.28 1.43
N LEU A 99 26.37 7.14 0.63
CA LEU A 99 25.76 8.28 -0.02
C LEU A 99 24.93 9.11 0.97
N ARG A 100 24.37 8.44 1.97
CA ARG A 100 23.57 9.14 2.96
C ARG A 100 24.45 10.00 3.87
N TYR A 101 25.72 9.63 3.98
N TYR A 101 25.72 9.60 3.96
CA TYR A 101 26.66 10.43 4.77
CA TYR A 101 26.72 10.33 4.72
C TYR A 101 27.05 11.69 4.03
C TYR A 101 27.08 11.65 4.02
N TYR A 102 26.79 11.72 2.73
CA TYR A 102 27.07 12.92 1.93
C TYR A 102 25.97 13.97 2.08
N TYR A 103 24.82 13.58 2.63
CA TYR A 103 23.67 14.49 2.68
C TYR A 103 23.96 15.76 3.46
N ASP A 104 24.40 15.61 4.71
CA ASP A 104 24.67 16.77 5.56
C ASP A 104 26.01 17.44 5.21
N LYS A 105 26.80 16.77 4.37
CA LYS A 105 28.07 17.32 3.89
C LYS A 105 27.88 18.06 2.57
N ASN A 106 26.69 17.95 1.99
CA ASN A 106 26.36 18.66 0.75
C ASN A 106 27.28 18.27 -0.41
N ILE A 107 27.57 16.98 -0.52
CA ILE A 107 28.31 16.45 -1.66
C ILE A 107 27.31 15.90 -2.67
N ILE A 108 26.38 15.09 -2.16
CA ILE A 108 25.34 14.48 -2.98
C ILE A 108 24.04 14.46 -2.17
N HIS A 109 22.93 14.59 -2.87
CA HIS A 109 21.60 14.53 -2.26
C HIS A 109 20.71 13.53 -2.98
N LYS A 110 19.73 12.99 -2.26
CA LYS A 110 18.77 12.05 -2.85
C LYS A 110 17.64 12.78 -3.54
N THR A 111 17.33 12.37 -4.76
CA THR A 111 16.16 12.90 -5.46
C THR A 111 14.92 12.20 -4.90
N SER A 112 14.08 12.96 -4.22
CA SER A 112 12.89 12.39 -3.57
C SER A 112 11.91 11.85 -4.60
N GLY A 113 11.57 10.57 -4.47
CA GLY A 113 10.54 9.95 -5.28
C GLY A 113 11.07 9.05 -6.39
N LYS A 114 12.33 9.24 -6.77
CA LYS A 114 12.92 8.47 -7.85
C LYS A 114 13.91 7.42 -7.32
N ARG A 115 13.82 6.21 -7.86
CA ARG A 115 14.58 5.07 -7.37
C ARG A 115 16.02 5.06 -7.91
N TYR A 116 16.98 4.94 -7.00
CA TYR A 116 18.41 4.91 -7.36
C TYR A 116 18.87 6.19 -8.02
N VAL A 117 18.13 7.28 -7.81
CA VAL A 117 18.45 8.57 -8.43
C VAL A 117 19.04 9.51 -7.38
N TYR A 118 20.18 10.11 -7.73
CA TYR A 118 20.89 11.01 -6.82
C TYR A 118 21.36 12.25 -7.58
N ARG A 119 21.77 13.26 -6.83
CA ARG A 119 22.16 14.55 -7.39
CA ARG A 119 22.20 14.53 -7.43
C ARG A 119 23.44 15.07 -6.74
N PHE A 120 24.46 15.34 -7.55
CA PHE A 120 25.66 16.00 -7.06
C PHE A 120 25.27 17.43 -6.69
N VAL A 121 25.73 17.88 -5.53
CA VAL A 121 25.30 19.17 -4.99
C VAL A 121 26.50 19.96 -4.48
N CYS A 122 27.67 19.69 -5.06
CA CYS A 122 28.92 20.31 -4.61
C CYS A 122 29.53 21.21 -5.68
N ASP A 123 28.69 21.97 -6.37
CA ASP A 123 29.11 22.98 -7.33
C ASP A 123 30.07 22.42 -8.39
N LEU A 124 29.63 21.37 -9.07
CA LEU A 124 30.47 20.70 -10.05
C LEU A 124 30.84 21.58 -11.24
N GLN A 125 30.01 22.58 -11.53
CA GLN A 125 30.29 23.51 -12.62
C GLN A 125 31.63 24.19 -12.40
N ASN A 126 31.84 24.73 -11.20
CA ASN A 126 33.06 25.45 -10.86
C ASN A 126 34.24 24.50 -10.66
N LEU A 127 33.98 23.38 -10.00
CA LEU A 127 35.04 22.43 -9.66
C LEU A 127 35.61 21.78 -10.92
N LEU A 128 34.74 21.22 -11.75
CA LEU A 128 35.17 20.50 -12.94
C LEU A 128 35.53 21.44 -14.09
N GLY A 129 34.86 22.59 -14.15
CA GLY A 129 35.04 23.53 -15.24
C GLY A 129 34.10 23.25 -16.39
N PHE A 130 33.41 22.11 -16.33
CA PHE A 130 32.42 21.75 -17.33
C PHE A 130 31.02 22.09 -16.86
N THR A 131 30.24 22.71 -17.72
CA THR A 131 28.81 22.89 -17.45
C THR A 131 28.15 21.53 -17.64
N PRO A 132 26.89 21.39 -17.21
CA PRO A 132 26.20 20.11 -17.43
C PRO A 132 26.11 19.76 -18.91
N GLU A 133 25.85 20.76 -19.75
CA GLU A 133 25.67 20.53 -21.19
C GLU A 133 26.98 20.18 -21.87
N GLU A 134 28.06 20.87 -21.49
CA GLU A 134 29.37 20.65 -22.09
C GLU A 134 29.90 19.24 -21.79
N LEU A 135 29.71 18.79 -20.56
CA LEU A 135 30.12 17.45 -20.17
C LEU A 135 29.28 16.43 -20.91
N HIS A 136 27.97 16.64 -20.92
CA HIS A 136 27.03 15.66 -21.47
C HIS A 136 27.04 15.60 -22.99
N ALA A 137 28.00 16.27 -23.62
CA ALA A 137 28.24 16.14 -25.05
C ALA A 137 29.08 14.90 -25.29
N ILE A 138 30.01 14.65 -24.37
CA ILE A 138 30.99 13.57 -24.50
C ILE A 138 30.51 12.33 -23.77
N GLY D 39 -24.52 -4.87 5.49
CA GLY D 39 -24.44 -6.02 4.61
C GLY D 39 -25.81 -6.48 4.16
N PRO D 40 -25.84 -7.46 3.24
CA PRO D 40 -27.10 -8.00 2.72
C PRO D 40 -27.89 -8.75 3.78
N ILE D 41 -29.18 -8.47 3.88
CA ILE D 41 -30.03 -9.09 4.89
C ILE D 41 -30.25 -10.57 4.54
N GLN D 42 -30.61 -11.36 5.54
CA GLN D 42 -30.86 -12.78 5.32
C GLN D 42 -32.32 -13.03 4.90
N LEU D 43 -32.64 -14.29 4.66
CA LEU D 43 -33.95 -14.65 4.11
C LEU D 43 -35.05 -14.64 5.17
N TRP D 44 -34.80 -15.31 6.28
CA TRP D 44 -35.77 -15.40 7.36
C TRP D 44 -36.12 -14.02 7.91
N GLN D 45 -35.16 -13.10 7.82
CA GLN D 45 -35.38 -11.73 8.24
C GLN D 45 -36.39 -11.06 7.31
N PHE D 46 -36.18 -11.24 6.01
CA PHE D 46 -37.10 -10.72 5.00
C PHE D 46 -38.50 -11.32 5.19
N LEU D 47 -38.54 -12.62 5.44
CA LEU D 47 -39.80 -13.29 5.72
C LEU D 47 -40.46 -12.72 6.99
N LEU D 48 -39.64 -12.48 8.02
CA LEU D 48 -40.14 -11.85 9.24
C LEU D 48 -40.70 -10.47 8.96
N GLU D 49 -40.00 -9.71 8.12
CA GLU D 49 -40.45 -8.38 7.72
C GLU D 49 -41.80 -8.46 7.01
N LEU D 50 -41.89 -9.31 5.99
CA LEU D 50 -43.15 -9.48 5.26
C LEU D 50 -44.26 -9.98 6.19
N LEU D 51 -43.90 -10.84 7.12
CA LEU D 51 -44.86 -11.39 8.08
C LEU D 51 -45.32 -10.32 9.08
N SER D 52 -44.38 -9.46 9.49
CA SER D 52 -44.66 -8.47 10.53
C SER D 52 -45.40 -7.24 10.00
N ASP D 53 -44.92 -6.70 8.88
CA ASP D 53 -45.47 -5.46 8.33
C ASP D 53 -46.98 -5.54 8.12
N LYS D 54 -47.47 -6.72 7.77
CA LYS D 54 -48.91 -6.97 7.63
C LYS D 54 -49.53 -6.28 6.41
N SER D 55 -48.73 -5.51 5.67
CA SER D 55 -49.20 -4.86 4.46
C SER D 55 -49.49 -5.90 3.39
N CYS D 56 -48.90 -7.08 3.55
CA CYS D 56 -49.05 -8.16 2.59
C CYS D 56 -49.41 -9.44 3.33
N GLN D 57 -50.59 -9.99 3.06
CA GLN D 57 -51.02 -11.21 3.73
C GLN D 57 -51.85 -12.16 2.87
N SER D 58 -51.89 -11.88 1.58
CA SER D 58 -52.26 -12.87 0.58
C SER D 58 -51.00 -13.52 0.03
N PHE D 59 -49.85 -13.09 0.54
CA PHE D 59 -48.55 -13.53 0.08
C PHE D 59 -47.86 -14.38 1.14
N ILE D 60 -48.13 -14.06 2.40
CA ILE D 60 -47.49 -14.75 3.52
C ILE D 60 -48.26 -14.47 4.81
N SER D 61 -48.37 -15.47 5.69
CA SER D 61 -49.20 -15.35 6.89
C SER D 61 -48.74 -16.26 8.02
N TRP D 62 -49.00 -15.85 9.25
CA TRP D 62 -48.82 -16.70 10.41
C TRP D 62 -50.03 -17.62 10.54
N THR D 63 -49.78 -18.91 10.73
CA THR D 63 -50.86 -19.88 10.89
C THR D 63 -51.33 -19.95 12.35
N GLY D 64 -50.71 -19.14 13.21
CA GLY D 64 -51.07 -19.09 14.61
C GLY D 64 -50.36 -20.13 15.45
N ASP D 65 -49.90 -21.19 14.81
CA ASP D 65 -49.25 -22.29 15.53
C ASP D 65 -47.84 -21.90 15.96
N GLY D 66 -47.75 -21.00 16.92
CA GLY D 66 -46.47 -20.53 17.41
C GLY D 66 -45.76 -19.68 16.37
N TRP D 67 -44.53 -20.07 16.04
CA TRP D 67 -43.75 -19.35 15.04
C TRP D 67 -43.87 -20.00 13.67
N GLU D 68 -45.02 -20.62 13.40
CA GLU D 68 -45.28 -21.26 12.12
C GLU D 68 -45.92 -20.28 11.16
N PHE D 69 -45.55 -20.37 9.90
CA PHE D 69 -46.08 -19.47 8.87
C PHE D 69 -46.25 -20.19 7.54
N LYS D 70 -47.12 -19.64 6.69
CA LYS D 70 -47.36 -20.20 5.36
C LYS D 70 -47.17 -19.14 4.28
N LEU D 71 -46.41 -19.49 3.25
CA LEU D 71 -46.27 -18.62 2.09
C LEU D 71 -47.52 -18.76 1.22
N ALA D 72 -48.49 -17.87 1.44
CA ALA D 72 -49.76 -17.93 0.74
C ALA D 72 -49.59 -17.83 -0.76
N ASP D 73 -48.72 -16.92 -1.20
CA ASP D 73 -48.40 -16.76 -2.62
C ASP D 73 -46.89 -16.78 -2.81
N PRO D 74 -46.31 -17.99 -2.94
CA PRO D 74 -44.85 -18.17 -3.06
C PRO D 74 -44.21 -17.35 -4.17
N ASP D 75 -44.91 -17.22 -5.29
CA ASP D 75 -44.37 -16.50 -6.44
C ASP D 75 -44.12 -15.03 -6.11
N GLU D 76 -45.06 -14.41 -5.42
CA GLU D 76 -44.95 -13.01 -5.03
C GLU D 76 -43.80 -12.82 -4.05
N VAL D 77 -43.74 -13.68 -3.04
CA VAL D 77 -42.67 -13.63 -2.05
C VAL D 77 -41.33 -13.82 -2.73
N ALA D 78 -41.30 -14.72 -3.70
CA ALA D 78 -40.09 -14.97 -4.48
C ALA D 78 -39.72 -13.72 -5.28
N ARG D 79 -40.72 -13.10 -5.89
CA ARG D 79 -40.51 -11.88 -6.66
C ARG D 79 -39.93 -10.76 -5.79
N ARG D 80 -40.56 -10.54 -4.64
CA ARG D 80 -40.12 -9.51 -3.71
C ARG D 80 -38.72 -9.81 -3.19
N TRP D 81 -38.49 -11.07 -2.81
CA TRP D 81 -37.17 -11.49 -2.36
C TRP D 81 -36.14 -11.27 -3.46
N GLY D 82 -36.55 -11.54 -4.70
CA GLY D 82 -35.70 -11.33 -5.85
C GLY D 82 -35.35 -9.86 -6.00
N LYS D 83 -36.37 -9.00 -5.94
CA LYS D 83 -36.17 -7.57 -6.05
C LYS D 83 -35.33 -7.04 -4.88
N ARG D 84 -35.50 -7.64 -3.71
CA ARG D 84 -34.78 -7.21 -2.51
C ARG D 84 -33.27 -7.41 -2.62
N LYS D 85 -32.86 -8.37 -3.46
CA LYS D 85 -31.44 -8.65 -3.67
C LYS D 85 -31.06 -8.52 -5.15
N ASN D 86 -31.98 -7.99 -5.95
CA ASN D 86 -31.76 -7.78 -7.38
C ASN D 86 -31.45 -9.10 -8.11
N LYS D 87 -32.31 -10.08 -7.93
CA LYS D 87 -32.21 -11.35 -8.63
C LYS D 87 -33.44 -11.49 -9.54
N PRO D 88 -33.34 -10.96 -10.77
CA PRO D 88 -34.50 -10.92 -11.66
C PRO D 88 -35.03 -12.30 -12.07
N LYS D 89 -34.26 -13.34 -11.81
CA LYS D 89 -34.65 -14.70 -12.17
C LYS D 89 -35.12 -15.50 -10.95
N MET D 90 -35.16 -14.85 -9.80
CA MET D 90 -35.54 -15.51 -8.55
C MET D 90 -36.97 -16.04 -8.61
N ASN D 91 -37.15 -17.28 -8.15
CA ASN D 91 -38.47 -17.89 -8.04
C ASN D 91 -38.55 -18.73 -6.77
N TYR D 92 -39.70 -19.35 -6.54
CA TYR D 92 -39.91 -20.12 -5.32
C TYR D 92 -39.00 -21.34 -5.26
N GLU D 93 -38.63 -21.87 -6.42
CA GLU D 93 -37.80 -23.07 -6.48
C GLU D 93 -36.44 -22.83 -5.83
N LYS D 94 -35.89 -21.64 -6.05
CA LYS D 94 -34.58 -21.30 -5.50
C LYS D 94 -34.71 -20.75 -4.08
N LEU D 95 -35.76 -19.97 -3.85
CA LEU D 95 -36.04 -19.45 -2.51
C LEU D 95 -36.22 -20.58 -1.51
N SER D 96 -37.04 -21.57 -1.87
CA SER D 96 -37.33 -22.69 -0.99
C SER D 96 -36.05 -23.49 -0.72
N ARG D 97 -35.15 -23.52 -1.72
CA ARG D 97 -33.85 -24.16 -1.51
C ARG D 97 -33.07 -23.35 -0.48
N GLY D 98 -33.10 -22.03 -0.67
CA GLY D 98 -32.56 -21.12 0.32
C GLY D 98 -33.10 -21.43 1.69
N LEU D 99 -34.39 -21.76 1.75
CA LEU D 99 -35.00 -22.21 3.00
C LEU D 99 -34.52 -23.59 3.42
N ARG D 100 -34.32 -24.48 2.46
CA ARG D 100 -33.93 -25.85 2.77
C ARG D 100 -32.53 -25.87 3.35
N TYR D 101 -31.72 -24.90 2.95
CA TYR D 101 -30.38 -24.80 3.51
CA TYR D 101 -30.37 -24.71 3.49
C TYR D 101 -30.40 -24.44 5.00
N TYR D 102 -31.52 -23.92 5.49
CA TYR D 102 -31.65 -23.58 6.92
C TYR D 102 -31.90 -24.79 7.81
N TYR D 103 -32.17 -25.95 7.23
CA TYR D 103 -32.58 -27.12 8.00
C TYR D 103 -31.49 -27.61 8.96
N ASP D 104 -30.23 -27.35 8.60
CA ASP D 104 -29.10 -27.73 9.47
C ASP D 104 -28.72 -26.60 10.41
N LYS D 105 -29.01 -25.37 10.00
CA LYS D 105 -28.69 -24.20 10.80
C LYS D 105 -29.68 -23.97 11.94
N ASN D 106 -30.75 -24.78 11.94
CA ASN D 106 -31.78 -24.69 12.98
C ASN D 106 -32.37 -23.28 13.08
N ILE D 107 -32.73 -22.70 11.93
CA ILE D 107 -33.38 -21.40 11.87
C ILE D 107 -34.85 -21.59 11.45
N ILE D 108 -35.04 -22.30 10.35
CA ILE D 108 -36.38 -22.62 9.85
C ILE D 108 -36.48 -24.11 9.52
N HIS D 109 -37.57 -24.71 9.99
CA HIS D 109 -37.88 -26.10 9.66
C HIS D 109 -39.16 -26.17 8.83
N LYS D 110 -39.31 -27.27 8.10
CA LYS D 110 -40.49 -27.49 7.28
C LYS D 110 -41.60 -28.11 8.11
N THR D 111 -42.83 -27.68 7.85
CA THR D 111 -44.00 -28.34 8.41
C THR D 111 -44.45 -29.41 7.42
N SER D 112 -43.96 -30.63 7.63
CA SER D 112 -44.21 -31.73 6.70
C SER D 112 -45.68 -31.98 6.47
N GLY D 113 -46.05 -32.17 5.20
CA GLY D 113 -47.43 -32.45 4.83
C GLY D 113 -48.21 -31.19 4.52
N LYS D 114 -47.72 -30.05 4.99
CA LYS D 114 -48.41 -28.78 4.78
C LYS D 114 -47.76 -27.97 3.66
N ARG D 115 -48.53 -27.66 2.64
CA ARG D 115 -48.02 -27.00 1.45
C ARG D 115 -47.65 -25.54 1.72
N TYR D 116 -46.42 -25.18 1.38
CA TYR D 116 -45.91 -23.82 1.54
C TYR D 116 -45.80 -23.38 3.00
N VAL D 117 -45.85 -24.33 3.93
CA VAL D 117 -45.78 -24.02 5.36
C VAL D 117 -44.40 -24.30 5.93
N TYR D 118 -43.92 -23.39 6.77
CA TYR D 118 -42.64 -23.54 7.45
C TYR D 118 -42.76 -23.04 8.89
N ARG D 119 -41.70 -23.22 9.67
CA ARG D 119 -41.70 -22.83 11.07
C ARG D 119 -40.32 -22.34 11.53
N PHE D 120 -40.27 -21.16 12.14
CA PHE D 120 -39.03 -20.66 12.74
C PHE D 120 -38.69 -21.51 13.97
N VAL D 121 -37.40 -21.72 14.21
CA VAL D 121 -36.96 -22.55 15.34
C VAL D 121 -35.68 -21.99 15.97
N CYS D 122 -35.62 -20.67 16.11
CA CYS D 122 -34.49 -20.01 16.76
C CYS D 122 -34.93 -19.32 18.04
N GLY G 39 -24.61 -11.02 9.54
CA GLY G 39 -24.06 -9.69 9.64
C GLY G 39 -22.58 -9.70 10.01
N PRO G 40 -21.72 -10.12 9.08
CA PRO G 40 -20.27 -10.12 9.33
C PRO G 40 -19.74 -8.70 9.48
N ILE G 41 -19.43 -8.32 10.72
CA ILE G 41 -18.98 -6.96 11.02
C ILE G 41 -17.72 -6.60 10.24
N GLN G 42 -17.69 -5.39 9.71
CA GLN G 42 -16.57 -4.92 8.89
C GLN G 42 -15.56 -4.12 9.72
N LEU G 43 -14.38 -3.91 9.14
CA LEU G 43 -13.28 -3.29 9.86
C LEU G 43 -13.54 -1.81 10.18
N TRP G 44 -14.03 -1.07 9.20
CA TRP G 44 -14.30 0.35 9.40
C TRP G 44 -15.37 0.55 10.48
N GLN G 45 -16.32 -0.37 10.55
CA GLN G 45 -17.35 -0.35 11.58
C GLN G 45 -16.70 -0.52 12.94
N PHE G 46 -15.78 -1.48 13.03
CA PHE G 46 -15.06 -1.77 14.26
C PHE G 46 -14.23 -0.57 14.71
N LEU G 47 -13.49 0.02 13.76
CA LEU G 47 -12.70 1.21 14.06
C LEU G 47 -13.60 2.35 14.49
N LEU G 48 -14.74 2.51 13.82
CA LEU G 48 -15.72 3.52 14.24
C LEU G 48 -16.25 3.21 15.62
N GLU G 49 -16.42 1.93 15.93
CA GLU G 49 -16.90 1.52 17.24
C GLU G 49 -15.89 1.89 18.32
N LEU G 50 -14.62 1.54 18.10
CA LEU G 50 -13.58 1.88 19.07
C LEU G 50 -13.35 3.39 19.14
N LEU G 51 -13.50 4.07 18.01
CA LEU G 51 -13.33 5.51 17.97
C LEU G 51 -14.44 6.26 18.71
N SER G 52 -15.53 5.55 19.02
CA SER G 52 -16.65 6.15 19.75
C SER G 52 -16.50 5.90 21.25
N ASP G 53 -15.74 4.87 21.60
CA ASP G 53 -15.47 4.55 23.00
C ASP G 53 -14.41 5.49 23.55
N LYS G 54 -14.79 6.29 24.54
CA LYS G 54 -13.88 7.28 25.13
C LYS G 54 -12.71 6.59 25.82
N SER G 55 -13.00 5.48 26.49
CA SER G 55 -11.98 4.73 27.21
C SER G 55 -10.92 4.16 26.27
N CYS G 56 -11.29 4.01 25.00
CA CYS G 56 -10.40 3.46 23.99
C CYS G 56 -9.55 4.54 23.33
N GLN G 57 -9.55 5.73 23.92
CA GLN G 57 -8.79 6.85 23.39
C GLN G 57 -7.28 6.62 23.45
N SER G 58 -6.86 5.63 24.23
CA SER G 58 -5.45 5.37 24.45
C SER G 58 -4.77 4.74 23.24
N PHE G 59 -5.48 3.82 22.58
CA PHE G 59 -4.91 3.09 21.44
C PHE G 59 -5.53 3.50 20.10
N ILE G 60 -6.57 4.33 20.13
CA ILE G 60 -7.13 4.91 18.92
C ILE G 60 -8.00 6.11 19.26
N SER G 61 -7.85 7.19 18.49
CA SER G 61 -8.60 8.41 18.74
C SER G 61 -8.63 9.31 17.51
N TRP G 62 -9.61 10.21 17.47
CA TRP G 62 -9.74 11.15 16.38
C TRP G 62 -8.68 12.24 16.46
N THR G 63 -7.96 12.44 15.36
CA THR G 63 -7.11 13.62 15.22
C THR G 63 -8.02 14.83 15.19
N GLY G 64 -7.52 15.98 15.63
CA GLY G 64 -8.32 17.20 15.66
C GLY G 64 -9.00 17.48 14.33
N ASP G 65 -8.32 17.15 13.24
CA ASP G 65 -8.90 17.29 11.90
C ASP G 65 -10.05 16.31 11.72
N GLY G 66 -11.18 16.81 11.21
CA GLY G 66 -12.40 16.04 11.11
C GLY G 66 -12.27 14.70 10.40
N TRP G 67 -12.82 13.66 11.03
CA TRP G 67 -12.87 12.31 10.47
C TRP G 67 -11.51 11.63 10.32
N GLU G 68 -10.42 12.33 10.62
CA GLU G 68 -9.10 11.74 10.61
C GLU G 68 -8.81 11.12 11.97
N PHE G 69 -8.30 9.90 11.97
CA PHE G 69 -8.00 9.20 13.21
C PHE G 69 -6.61 8.56 13.19
N LYS G 70 -6.11 8.24 14.38
CA LYS G 70 -4.76 7.74 14.56
C LYS G 70 -4.79 6.47 15.42
N LEU G 71 -4.18 5.40 14.92
CA LEU G 71 -3.98 4.20 15.71
C LEU G 71 -2.79 4.38 16.64
N ALA G 72 -3.05 4.89 17.84
CA ALA G 72 -2.00 5.16 18.82
C ALA G 72 -1.23 3.91 19.17
N ASP G 73 -1.95 2.79 19.29
CA ASP G 73 -1.35 1.49 19.52
C ASP G 73 -1.97 0.47 18.57
N PRO G 74 -1.41 0.32 17.37
CA PRO G 74 -2.00 -0.55 16.34
C PRO G 74 -2.08 -2.01 16.75
N ASP G 75 -1.14 -2.45 17.60
CA ASP G 75 -1.10 -3.84 18.04
C ASP G 75 -2.38 -4.25 18.76
N GLU G 76 -2.71 -3.51 19.81
CA GLU G 76 -3.91 -3.79 20.59
C GLU G 76 -5.15 -3.78 19.71
N VAL G 77 -5.22 -2.79 18.81
CA VAL G 77 -6.32 -2.70 17.86
C VAL G 77 -6.39 -3.97 17.01
N ALA G 78 -5.24 -4.39 16.49
CA ALA G 78 -5.18 -5.61 15.70
C ALA G 78 -5.59 -6.82 16.53
N ARG G 79 -5.21 -6.82 17.80
CA ARG G 79 -5.57 -7.90 18.71
C ARG G 79 -7.09 -7.96 18.87
N ARG G 80 -7.70 -6.83 19.21
CA ARG G 80 -9.15 -6.77 19.39
C ARG G 80 -9.87 -7.13 18.10
N TRP G 81 -9.40 -6.61 16.97
CA TRP G 81 -9.98 -6.94 15.68
C TRP G 81 -9.80 -8.43 15.39
N GLY G 82 -8.68 -8.98 15.85
CA GLY G 82 -8.44 -10.41 15.75
C GLY G 82 -9.41 -11.19 16.61
N LYS G 83 -9.70 -10.66 17.80
CA LYS G 83 -10.61 -11.30 18.73
C LYS G 83 -12.05 -11.28 18.22
N ARG G 84 -12.45 -10.18 17.59
CA ARG G 84 -13.84 -9.99 17.19
C ARG G 84 -14.26 -10.76 15.94
N LYS G 85 -13.28 -11.26 15.19
CA LYS G 85 -13.56 -12.07 14.00
C LYS G 85 -12.92 -13.45 14.08
N ASN G 86 -12.58 -13.87 15.29
CA ASN G 86 -12.12 -15.24 15.57
C ASN G 86 -10.73 -15.57 15.03
N LYS G 87 -10.18 -14.72 14.17
CA LYS G 87 -8.83 -14.91 13.66
C LYS G 87 -7.82 -14.48 14.73
N PRO G 88 -7.18 -15.44 15.41
CA PRO G 88 -6.39 -15.08 16.60
C PRO G 88 -4.98 -14.59 16.30
N LYS G 89 -4.42 -14.96 15.15
CA LYS G 89 -3.07 -14.56 14.79
C LYS G 89 -3.07 -13.24 14.03
N MET G 90 -4.10 -12.43 14.26
CA MET G 90 -4.24 -11.15 13.58
C MET G 90 -3.25 -10.13 14.11
N ASN G 91 -2.41 -9.61 13.22
CA ASN G 91 -1.48 -8.54 13.55
C ASN G 91 -1.84 -7.27 12.78
N TYR G 92 -1.02 -6.24 12.90
CA TYR G 92 -1.28 -4.98 12.22
C TYR G 92 -0.97 -5.09 10.72
N GLU G 93 -0.09 -6.02 10.36
CA GLU G 93 0.31 -6.19 8.97
C GLU G 93 -0.85 -6.64 8.09
N LYS G 94 -1.80 -7.35 8.69
CA LYS G 94 -2.99 -7.82 7.97
C LYS G 94 -4.10 -6.79 8.08
N LEU G 95 -4.23 -6.22 9.28
CA LEU G 95 -5.18 -5.13 9.56
C LEU G 95 -5.00 -4.02 8.54
N SER G 96 -3.78 -3.52 8.43
CA SER G 96 -3.46 -2.43 7.51
C SER G 96 -3.82 -2.79 6.08
N ARG G 97 -3.56 -4.03 5.69
CA ARG G 97 -3.93 -4.49 4.35
C ARG G 97 -5.45 -4.40 4.19
N GLY G 98 -6.15 -4.90 5.20
CA GLY G 98 -7.61 -4.75 5.26
C GLY G 98 -7.98 -3.29 5.09
N LEU G 99 -7.20 -2.41 5.70
CA LEU G 99 -7.40 -0.97 5.52
C LEU G 99 -6.98 -0.49 4.14
N ARG G 100 -5.99 -1.15 3.53
CA ARG G 100 -5.51 -0.74 2.22
C ARG G 100 -6.53 -1.11 1.16
N TYR G 101 -7.28 -2.19 1.38
N TYR G 101 -7.29 -2.18 1.42
CA TYR G 101 -8.36 -2.55 0.46
CA TYR G 101 -8.38 -2.60 0.55
C TYR G 101 -9.52 -1.54 0.48
C TYR G 101 -9.46 -1.51 0.45
N TYR G 102 -9.53 -0.64 1.46
CA TYR G 102 -10.57 0.39 1.53
C TYR G 102 -10.28 1.61 0.65
N TYR G 103 -9.08 1.69 0.09
CA TYR G 103 -8.69 2.88 -0.67
C TYR G 103 -9.54 3.04 -1.93
N ASP G 104 -9.74 1.95 -2.66
CA ASP G 104 -10.60 1.99 -3.84
C ASP G 104 -12.04 2.24 -3.43
N LYS G 105 -12.49 1.53 -2.39
CA LYS G 105 -13.86 1.61 -1.93
C LYS G 105 -14.22 2.99 -1.39
N ASN G 106 -13.21 3.82 -1.15
CA ASN G 106 -13.41 5.15 -0.59
C ASN G 106 -14.21 5.13 0.71
N ILE G 107 -13.75 4.32 1.66
CA ILE G 107 -14.30 4.30 3.01
C ILE G 107 -13.26 4.90 3.94
N ILE G 108 -12.01 4.52 3.73
CA ILE G 108 -10.89 5.03 4.50
C ILE G 108 -9.71 5.28 3.57
N HIS G 109 -8.98 6.36 3.84
CA HIS G 109 -7.77 6.68 3.09
C HIS G 109 -6.62 6.92 4.05
N LYS G 110 -5.40 6.71 3.56
CA LYS G 110 -4.20 6.94 4.35
C LYS G 110 -3.86 8.42 4.40
N THR G 111 -3.30 8.86 5.52
CA THR G 111 -2.71 10.19 5.61
C THR G 111 -1.20 10.04 5.45
N SER G 112 -0.73 10.27 4.24
CA SER G 112 0.68 10.04 3.90
C SER G 112 1.62 10.88 4.77
N GLY G 113 2.69 10.26 5.24
CA GLY G 113 3.68 10.92 6.09
C GLY G 113 3.42 10.69 7.56
N LYS G 114 2.14 10.61 7.94
CA LYS G 114 1.77 10.42 9.34
C LYS G 114 1.60 8.95 9.68
N ARG G 115 2.39 8.48 10.65
CA ARG G 115 2.41 7.06 11.01
C ARG G 115 1.13 6.64 11.71
N TYR G 116 0.55 5.52 11.27
CA TYR G 116 -0.66 4.95 11.86
C TYR G 116 -1.85 5.89 11.80
N VAL G 117 -1.83 6.83 10.86
CA VAL G 117 -2.93 7.79 10.70
C VAL G 117 -3.75 7.45 9.46
N TYR G 118 -5.06 7.46 9.62
CA TYR G 118 -5.98 7.20 8.52
C TYR G 118 -7.13 8.20 8.59
N ARG G 119 -7.96 8.23 7.55
CA ARG G 119 -9.05 9.19 7.47
C ARG G 119 -10.29 8.61 6.79
N PHE G 120 -11.44 8.75 7.45
CA PHE G 120 -12.71 8.36 6.85
C PHE G 120 -13.09 9.34 5.75
N VAL G 121 -13.78 8.84 4.73
CA VAL G 121 -14.17 9.67 3.58
C VAL G 121 -15.54 9.25 3.06
N CYS G 122 -16.43 8.90 3.98
CA CYS G 122 -17.78 8.45 3.63
C CYS G 122 -18.81 9.11 4.54
N ASP G 123 -20.05 9.20 4.05
CA ASP G 123 -21.14 9.79 4.83
C ASP G 123 -21.70 8.78 5.82
#